data_1LV0
#
_entry.id   1LV0
#
_cell.length_a   62.230
_cell.length_b   42.861
_cell.length_c   89.104
_cell.angle_alpha   90.00
_cell.angle_beta   103.53
_cell.angle_gamma   90.00
#
_symmetry.space_group_name_H-M   'P 1 21 1'
#
loop_
_entity.id
_entity.type
_entity.pdbx_description
1 polymer 'RAB GDP disossociation inhibitor alpha'
2 non-polymer 'SULFATE ION'
3 non-polymer 'GERAN-8-YL GERAN'
4 water water
#
_entity_poly.entity_id   1
_entity_poly.type   'polypeptide(L)'
_entity_poly.pdbx_seq_one_letter_code
;HHMDEEYDVIVLGTGLTECILSGIMSVNGKKVLHMDRNPYYGGESSSITPLEELYKRFQLLEGPPETMGRGRDWNVDLIP
KFLMANGQLVKMLLYTEVTRYLDFKVVEGSFVYKGGKIYKVPSTETEALASNLMGMFEKRRFRKFLVFVANFDENDPKTF
EGVDPQNTSMRDVYRKFDLGQDVIDFTGHALALYRTDDYLDQPCLETINRIKLYSESLARYGKSPYLYPLYGLGELPQGF
ARLSAIYGGTYMLNKPVDDIIMENGKVVGVKSEGEVARCKQLICDPSYVPDRVRKAGQVIRIICILSHPIKNTNDANSCQ
IIIPQNQVNRKSDIYVCMISYAHNVAAQGKYIAIASTTVETTDPEKEVEPALELLEPIDQKFVAISDLYEPIDDGSESQV
FCSCSYDATTHFETTCNDIKDIYKRMAGSAFDFENMKRKQNDVFGEADQ
;
_entity_poly.pdbx_strand_id   A
#
# COMPACT_ATOMS: atom_id res chain seq x y z
N HIS A 1 -33.24 2.44 11.30
CA HIS A 1 -31.97 2.48 12.07
C HIS A 1 -31.75 3.90 12.61
N HIS A 2 -31.08 4.03 13.75
CA HIS A 2 -30.84 5.35 14.34
C HIS A 2 -29.41 5.62 14.79
N MET A 3 -29.08 6.91 14.90
CA MET A 3 -27.76 7.36 15.32
C MET A 3 -27.90 8.11 16.64
N ASP A 4 -26.76 8.50 17.21
CA ASP A 4 -26.75 9.26 18.44
C ASP A 4 -26.84 10.74 18.08
N GLU A 5 -27.04 11.58 19.09
CA GLU A 5 -27.15 13.01 18.86
C GLU A 5 -25.80 13.67 18.61
N GLU A 6 -24.76 13.15 19.25
CA GLU A 6 -23.44 13.76 19.12
C GLU A 6 -22.25 12.79 19.25
N TYR A 7 -21.24 13.04 18.40
CA TYR A 7 -19.99 12.24 18.41
C TYR A 7 -18.84 13.23 18.22
N ASP A 8 -17.68 12.90 18.75
CA ASP A 8 -16.52 13.78 18.59
C ASP A 8 -16.04 13.66 17.15
N VAL A 9 -16.15 12.46 16.59
CA VAL A 9 -15.69 12.22 15.22
C VAL A 9 -16.60 11.29 14.44
N ILE A 10 -16.88 11.66 13.20
CA ILE A 10 -17.70 10.83 12.33
C ILE A 10 -16.80 10.43 11.17
N VAL A 11 -16.77 9.14 10.86
CA VAL A 11 -15.94 8.64 9.78
C VAL A 11 -16.84 8.07 8.70
N LEU A 12 -16.56 8.43 7.45
CA LEU A 12 -17.35 7.96 6.31
C LEU A 12 -16.50 7.08 5.38
N GLY A 13 -16.90 5.82 5.26
CA GLY A 13 -16.17 4.88 4.43
C GLY A 13 -15.32 3.98 5.31
N THR A 14 -15.20 2.71 4.94
CA THR A 14 -14.41 1.79 5.72
C THR A 14 -13.18 1.31 4.98
N GLY A 15 -12.56 2.22 4.23
CA GLY A 15 -11.35 1.89 3.52
C GLY A 15 -10.25 1.79 4.58
N LEU A 16 -9.10 1.26 4.20
CA LEU A 16 -8.00 1.10 5.16
C LEU A 16 -7.61 2.38 5.89
N THR A 17 -7.45 3.47 5.16
CA THR A 17 -7.08 4.75 5.76
C THR A 17 -8.10 5.22 6.79
N GLU A 18 -9.38 5.15 6.46
CA GLU A 18 -10.44 5.54 7.37
C GLU A 18 -10.40 4.67 8.62
N CYS A 19 -10.39 3.36 8.40
CA CYS A 19 -10.35 2.41 9.51
C CYS A 19 -9.19 2.66 10.48
N ILE A 20 -8.00 2.89 9.94
CA ILE A 20 -6.85 3.10 10.79
C ILE A 20 -6.96 4.38 11.61
N LEU A 21 -7.39 5.47 10.98
CA LEU A 21 -7.54 6.74 11.69
C LEU A 21 -8.64 6.57 12.74
N SER A 22 -9.73 5.92 12.34
CA SER A 22 -10.85 5.66 13.23
C SER A 22 -10.36 4.91 14.46
N GLY A 23 -9.45 3.97 14.25
CA GLY A 23 -8.92 3.21 15.38
C GLY A 23 -8.11 4.09 16.31
N ILE A 24 -7.29 4.96 15.73
CA ILE A 24 -6.46 5.85 16.52
C ILE A 24 -7.32 6.78 17.38
N MET A 25 -8.34 7.35 16.76
CA MET A 25 -9.24 8.26 17.48
C MET A 25 -9.89 7.53 18.67
N SER A 26 -10.45 6.35 18.42
CA SER A 26 -11.09 5.59 19.47
C SER A 26 -10.10 5.30 20.61
N VAL A 27 -8.93 4.78 20.25
CA VAL A 27 -7.92 4.46 21.25
C VAL A 27 -7.50 5.73 22.00
N ASN A 28 -7.54 6.87 21.31
CA ASN A 28 -7.17 8.13 21.94
C ASN A 28 -8.28 8.75 22.79
N GLY A 29 -9.35 8.00 23.00
CA GLY A 29 -10.44 8.47 23.83
C GLY A 29 -11.55 9.31 23.23
N LYS A 30 -11.82 9.16 21.94
CA LYS A 30 -12.89 9.93 21.33
C LYS A 30 -14.11 9.09 21.02
N LYS A 31 -15.28 9.72 21.04
CA LYS A 31 -16.53 9.01 20.72
C LYS A 31 -16.61 9.02 19.21
N VAL A 32 -16.58 7.85 18.61
CA VAL A 32 -16.59 7.76 17.16
C VAL A 32 -17.79 7.12 16.51
N LEU A 33 -18.24 7.73 15.42
CA LEU A 33 -19.33 7.18 14.62
C LEU A 33 -18.68 6.84 13.29
N HIS A 34 -18.75 5.57 12.91
CA HIS A 34 -18.15 5.15 11.66
C HIS A 34 -19.20 4.45 10.82
N MET A 35 -19.48 4.98 9.65
CA MET A 35 -20.47 4.38 8.78
C MET A 35 -20.01 4.27 7.33
N ASP A 36 -20.72 3.44 6.57
CA ASP A 36 -20.39 3.22 5.17
C ASP A 36 -21.68 3.03 4.39
N ARG A 37 -21.79 3.72 3.24
CA ARG A 37 -22.97 3.59 2.41
C ARG A 37 -23.09 2.19 1.85
N ASN A 38 -21.95 1.52 1.68
CA ASN A 38 -21.91 0.17 1.11
C ASN A 38 -22.33 -0.92 2.10
N PRO A 39 -22.75 -2.09 1.57
CA PRO A 39 -23.16 -3.22 2.41
C PRO A 39 -21.97 -4.13 2.74
N TYR A 40 -20.76 -3.62 2.49
CA TYR A 40 -19.53 -4.35 2.74
C TYR A 40 -18.42 -3.41 3.19
N TYR A 41 -17.34 -3.97 3.73
CA TYR A 41 -16.19 -3.19 4.22
C TYR A 41 -15.16 -2.87 3.14
N GLY A 42 -14.24 -1.99 3.48
CA GLY A 42 -13.10 -1.62 2.64
C GLY A 42 -13.35 -0.67 1.44
N GLY A 43 -14.60 -0.37 1.11
CA GLY A 43 -14.85 0.53 0.01
C GLY A 43 -14.07 0.07 -1.21
N GLU A 44 -13.24 0.96 -1.74
CA GLU A 44 -12.42 0.67 -2.91
C GLU A 44 -11.46 -0.48 -2.67
N SER A 45 -10.93 -0.55 -1.45
CA SER A 45 -9.98 -1.59 -1.07
C SER A 45 -10.68 -2.77 -0.41
N SER A 46 -11.76 -3.24 -1.00
CA SER A 46 -12.49 -4.36 -0.42
C SER A 46 -11.92 -5.70 -0.86
N SER A 47 -12.15 -6.72 -0.04
CA SER A 47 -11.69 -8.06 -0.33
C SER A 47 -12.95 -8.83 -0.75
N ILE A 48 -12.85 -9.57 -1.84
CA ILE A 48 -14.01 -10.31 -2.33
C ILE A 48 -13.95 -11.80 -2.06
N THR A 49 -15.07 -12.34 -1.61
CA THR A 49 -15.20 -13.77 -1.32
C THR A 49 -16.69 -14.12 -1.34
N PRO A 50 -17.06 -15.31 -1.85
CA PRO A 50 -16.19 -16.34 -2.42
C PRO A 50 -15.78 -15.98 -3.85
N LEU A 51 -15.05 -16.88 -4.50
CA LEU A 51 -14.60 -16.64 -5.87
C LEU A 51 -15.74 -16.25 -6.80
N GLU A 52 -16.90 -16.86 -6.61
CA GLU A 52 -18.06 -16.57 -7.45
C GLU A 52 -18.38 -15.07 -7.51
N GLU A 53 -18.27 -14.39 -6.37
CA GLU A 53 -18.55 -12.96 -6.33
C GLU A 53 -17.58 -12.14 -7.17
N LEU A 54 -16.32 -12.58 -7.22
CA LEU A 54 -15.32 -11.88 -8.01
C LEU A 54 -15.74 -11.97 -9.47
N TYR A 55 -16.14 -13.16 -9.90
CA TYR A 55 -16.57 -13.36 -11.28
C TYR A 55 -17.76 -12.46 -11.59
N LYS A 56 -18.71 -12.41 -10.67
CA LYS A 56 -19.90 -11.57 -10.86
C LYS A 56 -19.50 -10.11 -11.04
N ARG A 57 -18.71 -9.60 -10.08
CA ARG A 57 -18.26 -8.20 -10.10
C ARG A 57 -17.56 -7.79 -11.39
N PHE A 58 -16.93 -8.75 -12.05
CA PHE A 58 -16.24 -8.44 -13.29
C PHE A 58 -17.01 -8.88 -14.54
N GLN A 59 -18.31 -9.08 -14.37
CA GLN A 59 -19.21 -9.46 -15.47
C GLN A 59 -18.82 -10.75 -16.19
N LEU A 60 -18.43 -11.76 -15.42
CA LEU A 60 -18.05 -13.05 -16.00
C LEU A 60 -19.10 -14.12 -15.69
N LEU A 61 -20.22 -14.03 -16.40
CA LEU A 61 -21.34 -14.94 -16.23
C LEU A 61 -20.99 -16.41 -16.15
N GLU A 62 -20.04 -16.86 -16.95
CA GLU A 62 -19.66 -18.27 -16.96
C GLU A 62 -19.36 -18.84 -15.57
N GLY A 63 -18.98 -17.98 -14.64
CA GLY A 63 -18.67 -18.45 -13.30
C GLY A 63 -17.32 -19.13 -13.30
N PRO A 64 -16.70 -19.34 -12.13
CA PRO A 64 -15.40 -19.99 -12.13
C PRO A 64 -15.49 -21.49 -12.39
N PRO A 65 -14.58 -22.03 -13.21
CA PRO A 65 -14.62 -23.47 -13.48
C PRO A 65 -14.16 -24.23 -12.23
N GLU A 66 -14.67 -25.45 -12.07
CA GLU A 66 -14.34 -26.31 -10.93
C GLU A 66 -12.85 -26.32 -10.64
N THR A 67 -12.04 -26.33 -11.69
CA THR A 67 -10.60 -26.34 -11.56
C THR A 67 -10.05 -25.16 -10.76
N MET A 68 -10.90 -24.16 -10.49
CA MET A 68 -10.50 -23.00 -9.71
C MET A 68 -10.52 -23.36 -8.22
N GLY A 69 -11.03 -24.55 -7.91
CA GLY A 69 -11.08 -24.99 -6.53
C GLY A 69 -12.24 -24.43 -5.73
N ARG A 70 -12.24 -24.71 -4.43
CA ARG A 70 -13.29 -24.26 -3.51
C ARG A 70 -13.41 -22.74 -3.49
N GLY A 71 -14.54 -22.24 -3.97
CA GLY A 71 -14.78 -20.81 -4.00
C GLY A 71 -14.59 -20.09 -2.68
N ARG A 72 -15.13 -20.68 -1.60
CA ARG A 72 -15.03 -20.11 -0.25
C ARG A 72 -13.59 -19.92 0.23
N ASP A 73 -12.65 -20.63 -0.38
CA ASP A 73 -11.25 -20.54 0.00
C ASP A 73 -10.55 -19.34 -0.64
N TRP A 74 -11.31 -18.55 -1.39
CA TRP A 74 -10.74 -17.37 -2.04
C TRP A 74 -11.12 -16.07 -1.32
N ASN A 75 -10.11 -15.23 -1.05
CA ASN A 75 -10.29 -13.94 -0.42
C ASN A 75 -9.46 -12.98 -1.27
N VAL A 76 -10.11 -12.33 -2.23
CA VAL A 76 -9.42 -11.46 -3.16
C VAL A 76 -9.49 -9.97 -2.92
N ASP A 77 -8.36 -9.42 -2.47
CA ASP A 77 -8.25 -7.99 -2.24
C ASP A 77 -8.26 -7.31 -3.61
N LEU A 78 -9.12 -6.32 -3.80
CA LEU A 78 -9.15 -5.61 -5.07
C LEU A 78 -7.90 -4.74 -5.21
N ILE A 79 -7.34 -4.33 -4.07
CA ILE A 79 -6.15 -3.49 -4.07
C ILE A 79 -5.12 -4.05 -3.08
N PRO A 80 -4.45 -5.16 -3.45
CA PRO A 80 -3.44 -5.74 -2.54
C PRO A 80 -2.18 -4.89 -2.48
N LYS A 81 -1.66 -4.75 -1.26
CA LYS A 81 -0.44 -3.98 -0.98
C LYS A 81 0.26 -4.67 0.18
N PHE A 82 1.59 -4.61 0.18
CA PHE A 82 2.38 -5.23 1.22
C PHE A 82 2.83 -4.20 2.27
N LEU A 83 3.07 -4.67 3.49
CA LEU A 83 3.55 -3.78 4.55
C LEU A 83 5.03 -4.00 4.82
N MET A 84 5.76 -2.90 4.98
CA MET A 84 7.19 -2.97 5.29
C MET A 84 7.21 -3.41 6.76
N ALA A 85 7.81 -4.57 7.01
CA ALA A 85 7.87 -5.15 8.35
C ALA A 85 8.16 -4.20 9.50
N ASN A 86 9.25 -3.43 9.39
CA ASN A 86 9.64 -2.49 10.45
C ASN A 86 9.10 -1.09 10.23
N GLY A 87 8.14 -0.96 9.33
CA GLY A 87 7.59 0.35 9.01
C GLY A 87 6.67 0.97 10.05
N GLN A 88 6.29 2.22 9.81
CA GLN A 88 5.41 2.97 10.70
C GLN A 88 3.95 2.55 10.57
N LEU A 89 3.56 2.03 9.40
CA LEU A 89 2.19 1.58 9.22
C LEU A 89 1.96 0.47 10.26
N VAL A 90 2.88 -0.49 10.32
CA VAL A 90 2.77 -1.57 11.30
C VAL A 90 2.75 -1.00 12.71
N LYS A 91 3.60 0.00 12.97
CA LYS A 91 3.65 0.61 14.29
C LYS A 91 2.34 1.26 14.67
N MET A 92 1.66 1.88 13.70
CA MET A 92 0.37 2.50 13.98
C MET A 92 -0.67 1.43 14.27
N LEU A 93 -0.55 0.28 13.61
CA LEU A 93 -1.49 -0.81 13.84
C LEU A 93 -1.30 -1.38 15.25
N LEU A 94 -0.05 -1.43 15.70
CA LEU A 94 0.24 -1.93 17.05
C LEU A 94 -0.35 -0.98 18.08
N TYR A 95 -0.25 0.32 17.80
CA TYR A 95 -0.79 1.35 18.68
C TYR A 95 -2.30 1.14 18.92
N THR A 96 -3.04 0.88 17.85
CA THR A 96 -4.47 0.68 17.98
C THR A 96 -4.77 -0.70 18.58
N GLU A 97 -3.76 -1.56 18.56
CA GLU A 97 -3.85 -2.92 19.07
C GLU A 97 -4.71 -3.83 18.18
N VAL A 98 -5.01 -3.35 16.97
CA VAL A 98 -5.80 -4.16 16.04
C VAL A 98 -4.96 -5.39 15.66
N THR A 99 -3.66 -5.30 15.93
CA THR A 99 -2.73 -6.40 15.66
C THR A 99 -3.13 -7.65 16.43
N ARG A 100 -4.00 -7.48 17.42
CA ARG A 100 -4.47 -8.58 18.22
C ARG A 100 -5.29 -9.56 17.37
N TYR A 101 -5.84 -9.06 16.27
CA TYR A 101 -6.68 -9.88 15.41
C TYR A 101 -6.06 -10.19 14.06
N LEU A 102 -4.74 -10.02 13.94
CA LEU A 102 -4.08 -10.24 12.67
C LEU A 102 -2.92 -11.23 12.72
N ASP A 103 -2.79 -12.03 11.66
CA ASP A 103 -1.72 -13.00 11.55
C ASP A 103 -0.85 -12.64 10.34
N PHE A 104 0.21 -11.88 10.58
CA PHE A 104 1.10 -11.49 9.49
C PHE A 104 2.04 -12.61 9.08
N LYS A 105 2.18 -12.80 7.77
CA LYS A 105 3.06 -13.83 7.23
C LYS A 105 3.99 -13.15 6.23
N VAL A 106 5.29 -13.40 6.36
CA VAL A 106 6.28 -12.79 5.47
C VAL A 106 6.10 -13.20 4.01
N VAL A 107 6.27 -12.24 3.11
CA VAL A 107 6.17 -12.50 1.68
C VAL A 107 7.47 -13.25 1.35
N GLU A 108 7.36 -14.30 0.54
CA GLU A 108 8.53 -15.12 0.23
C GLU A 108 9.64 -14.50 -0.60
N GLY A 109 9.30 -13.72 -1.61
CA GLY A 109 10.34 -13.14 -2.44
C GLY A 109 10.13 -11.70 -2.87
N SER A 110 11.24 -11.01 -3.11
CA SER A 110 11.22 -9.62 -3.55
C SER A 110 12.12 -9.53 -4.78
N PHE A 111 11.55 -9.10 -5.90
CA PHE A 111 12.31 -9.02 -7.15
C PHE A 111 12.20 -7.66 -7.84
N VAL A 112 13.11 -7.42 -8.77
CA VAL A 112 13.12 -6.20 -9.56
C VAL A 112 13.33 -6.55 -11.03
N TYR A 113 12.64 -5.84 -11.91
CA TYR A 113 12.71 -6.06 -13.35
C TYR A 113 13.89 -5.32 -13.97
N LYS A 114 14.54 -5.96 -14.93
CA LYS A 114 15.69 -5.38 -15.61
C LYS A 114 15.99 -6.09 -16.91
N GLY A 115 16.03 -5.33 -18.00
CA GLY A 115 16.32 -5.91 -19.30
C GLY A 115 15.40 -7.07 -19.65
N GLY A 116 14.12 -6.92 -19.30
CA GLY A 116 13.15 -7.96 -19.61
C GLY A 116 13.14 -9.14 -18.63
N LYS A 117 14.06 -9.13 -17.68
CA LYS A 117 14.15 -10.20 -16.69
C LYS A 117 13.99 -9.67 -15.26
N ILE A 118 13.60 -10.55 -14.34
CA ILE A 118 13.42 -10.19 -12.95
C ILE A 118 14.53 -10.82 -12.12
N TYR A 119 15.08 -10.05 -11.19
CA TYR A 119 16.15 -10.53 -10.33
C TYR A 119 15.82 -10.29 -8.87
N LYS A 120 16.41 -11.08 -7.99
CA LYS A 120 16.21 -10.91 -6.57
C LYS A 120 16.81 -9.55 -6.21
N VAL A 121 16.11 -8.78 -5.38
CA VAL A 121 16.60 -7.47 -4.96
C VAL A 121 17.70 -7.74 -3.94
N PRO A 122 18.93 -7.29 -4.20
CA PRO A 122 20.03 -7.52 -3.25
C PRO A 122 20.08 -6.44 -2.17
N SER A 123 19.89 -6.86 -0.92
CA SER A 123 19.90 -5.96 0.22
C SER A 123 21.07 -6.20 1.16
N THR A 124 21.67 -7.38 1.08
CA THR A 124 22.80 -7.72 1.92
C THR A 124 24.07 -7.80 1.09
N GLU A 125 25.22 -7.70 1.74
CA GLU A 125 26.49 -7.78 1.03
C GLU A 125 26.62 -9.14 0.38
N THR A 126 26.07 -10.16 1.04
CA THR A 126 26.11 -11.52 0.52
C THR A 126 25.25 -11.62 -0.74
N GLU A 127 24.05 -11.04 -0.68
CA GLU A 127 23.14 -11.05 -1.81
C GLU A 127 23.76 -10.28 -2.96
N ALA A 128 24.43 -9.19 -2.63
CA ALA A 128 25.08 -8.35 -3.63
C ALA A 128 26.15 -9.14 -4.37
N LEU A 129 27.04 -9.80 -3.62
CA LEU A 129 28.12 -10.60 -4.21
C LEU A 129 27.60 -11.75 -5.08
N ALA A 130 26.34 -12.12 -4.89
CA ALA A 130 25.77 -13.22 -5.66
C ALA A 130 24.77 -12.76 -6.72
N SER A 131 24.47 -11.48 -6.75
CA SER A 131 23.50 -10.94 -7.70
C SER A 131 23.93 -10.93 -9.15
N ASN A 132 23.00 -11.27 -10.04
CA ASN A 132 23.24 -11.28 -11.47
C ASN A 132 22.81 -9.96 -12.11
N LEU A 133 22.39 -9.02 -11.27
CA LEU A 133 21.95 -7.71 -11.74
C LEU A 133 23.13 -6.83 -12.12
N MET A 134 24.30 -7.16 -11.60
CA MET A 134 25.50 -6.37 -11.88
C MET A 134 26.70 -7.23 -12.22
N GLY A 135 27.69 -6.62 -12.87
CA GLY A 135 28.89 -7.33 -13.24
C GLY A 135 29.80 -7.50 -12.03
N MET A 136 30.80 -8.35 -12.16
CA MET A 136 31.74 -8.64 -11.09
C MET A 136 32.25 -7.39 -10.37
N PHE A 137 32.74 -6.42 -11.13
CA PHE A 137 33.28 -5.21 -10.52
C PHE A 137 32.24 -4.30 -9.89
N GLU A 138 31.19 -3.96 -10.63
CA GLU A 138 30.17 -3.08 -10.07
C GLU A 138 29.51 -3.68 -8.83
N LYS A 139 29.22 -4.98 -8.86
CA LYS A 139 28.57 -5.58 -7.71
C LYS A 139 29.43 -5.43 -6.46
N ARG A 140 30.75 -5.33 -6.64
CA ARG A 140 31.63 -5.17 -5.51
C ARG A 140 31.58 -3.72 -5.03
N ARG A 141 31.34 -2.79 -5.95
CA ARG A 141 31.23 -1.39 -5.57
C ARG A 141 29.88 -1.24 -4.85
N PHE A 142 28.89 -1.98 -5.32
CA PHE A 142 27.57 -1.93 -4.69
C PHE A 142 27.64 -2.52 -3.30
N ARG A 143 28.52 -3.51 -3.13
CA ARG A 143 28.71 -4.18 -1.86
C ARG A 143 29.23 -3.15 -0.85
N LYS A 144 30.20 -2.34 -1.28
CA LYS A 144 30.77 -1.32 -0.41
C LYS A 144 29.74 -0.27 -0.08
N PHE A 145 28.84 0.01 -1.04
CA PHE A 145 27.78 0.98 -0.84
C PHE A 145 26.87 0.49 0.29
N LEU A 146 26.48 -0.79 0.23
CA LEU A 146 25.62 -1.38 1.26
C LEU A 146 26.31 -1.33 2.61
N VAL A 147 27.63 -1.52 2.61
CA VAL A 147 28.41 -1.49 3.84
C VAL A 147 28.27 -0.12 4.47
N PHE A 148 28.47 0.92 3.66
CA PHE A 148 28.36 2.29 4.14
C PHE A 148 26.96 2.53 4.70
N VAL A 149 25.94 2.07 3.98
CA VAL A 149 24.56 2.26 4.42
C VAL A 149 24.29 1.53 5.74
N ALA A 150 24.73 0.29 5.84
CA ALA A 150 24.52 -0.50 7.05
C ALA A 150 25.20 0.14 8.26
N ASN A 151 26.42 0.60 8.08
CA ASN A 151 27.19 1.21 9.16
C ASN A 151 26.81 2.65 9.45
N PHE A 152 26.05 3.26 8.54
CA PHE A 152 25.63 4.64 8.71
C PHE A 152 24.82 4.86 9.98
N ASP A 153 25.17 5.91 10.73
CA ASP A 153 24.48 6.26 11.97
C ASP A 153 24.22 7.76 11.98
N GLU A 154 22.94 8.12 11.91
CA GLU A 154 22.51 9.53 11.90
C GLU A 154 23.12 10.44 12.94
N ASN A 155 23.42 9.91 14.12
CA ASN A 155 23.97 10.73 15.19
C ASN A 155 25.49 10.64 15.32
N ASP A 156 26.11 9.77 14.53
CA ASP A 156 27.55 9.62 14.59
C ASP A 156 28.18 10.06 13.29
N PRO A 157 28.61 11.33 13.22
CA PRO A 157 29.24 11.94 12.05
C PRO A 157 30.44 11.17 11.52
N LYS A 158 31.03 10.33 12.37
CA LYS A 158 32.17 9.53 11.99
C LYS A 158 31.79 8.51 10.93
N THR A 159 30.50 8.17 10.85
CA THR A 159 30.02 7.20 9.88
C THR A 159 29.54 7.83 8.58
N PHE A 160 29.42 9.17 8.58
CA PHE A 160 28.96 9.90 7.40
C PHE A 160 29.94 9.82 6.24
N GLU A 161 31.22 9.61 6.55
CA GLU A 161 32.26 9.54 5.53
C GLU A 161 32.30 10.85 4.74
N GLY A 162 32.16 11.96 5.46
CA GLY A 162 32.21 13.26 4.84
C GLY A 162 30.96 13.76 4.15
N VAL A 163 29.89 12.97 4.14
CA VAL A 163 28.67 13.42 3.49
C VAL A 163 27.78 14.13 4.50
N ASP A 164 27.06 15.15 4.03
CA ASP A 164 26.15 15.88 4.89
C ASP A 164 24.76 15.31 4.64
N PRO A 165 24.25 14.48 5.58
CA PRO A 165 22.93 13.87 5.47
C PRO A 165 21.83 14.88 5.18
N GLN A 166 22.02 16.11 5.65
CA GLN A 166 21.01 17.15 5.45
C GLN A 166 21.20 18.00 4.20
N ASN A 167 22.34 17.85 3.54
CA ASN A 167 22.60 18.64 2.33
C ASN A 167 23.11 17.87 1.11
N THR A 168 24.01 16.92 1.34
CA THR A 168 24.55 16.13 0.22
C THR A 168 23.44 15.29 -0.43
N SER A 169 23.23 15.49 -1.72
CA SER A 169 22.20 14.75 -2.45
C SER A 169 22.58 13.28 -2.63
N MET A 170 21.56 12.45 -2.89
CA MET A 170 21.79 11.03 -3.09
C MET A 170 22.58 10.84 -4.36
N ARG A 171 22.29 11.66 -5.39
CA ARG A 171 23.02 11.54 -6.63
C ARG A 171 24.51 11.63 -6.30
N ASP A 172 24.87 12.56 -5.43
CA ASP A 172 26.27 12.71 -5.03
C ASP A 172 26.75 11.47 -4.29
N VAL A 173 25.87 10.89 -3.49
CA VAL A 173 26.23 9.69 -2.74
C VAL A 173 26.49 8.55 -3.71
N TYR A 174 25.69 8.47 -4.77
CA TYR A 174 25.87 7.42 -5.77
C TYR A 174 27.21 7.59 -6.49
N ARG A 175 27.54 8.83 -6.85
CA ARG A 175 28.80 9.10 -7.52
C ARG A 175 29.96 8.64 -6.64
N LYS A 176 29.89 9.00 -5.35
CA LYS A 176 30.91 8.64 -4.38
C LYS A 176 31.29 7.17 -4.48
N PHE A 177 30.31 6.32 -4.75
CA PHE A 177 30.55 4.90 -4.85
C PHE A 177 30.59 4.45 -6.31
N ASP A 178 30.57 5.43 -7.20
CA ASP A 178 30.62 5.18 -8.64
C ASP A 178 29.62 4.10 -9.07
N LEU A 179 28.34 4.39 -8.94
CA LEU A 179 27.31 3.43 -9.33
C LEU A 179 26.56 3.90 -10.57
N GLY A 180 26.32 2.98 -11.50
CA GLY A 180 25.64 3.30 -12.73
C GLY A 180 24.12 3.45 -12.69
N GLN A 181 23.56 3.83 -13.83
CA GLN A 181 22.12 4.02 -13.96
C GLN A 181 21.30 2.82 -13.57
N ASP A 182 21.71 1.63 -14.00
CA ASP A 182 20.97 0.42 -13.69
C ASP A 182 20.93 0.11 -12.20
N VAL A 183 22.05 0.32 -11.51
CA VAL A 183 22.12 0.07 -10.07
C VAL A 183 21.26 1.10 -9.34
N ILE A 184 21.36 2.35 -9.77
CA ILE A 184 20.58 3.45 -9.20
C ILE A 184 19.10 3.18 -9.43
N ASP A 185 18.80 2.59 -10.57
CA ASP A 185 17.41 2.29 -10.90
C ASP A 185 16.76 1.30 -9.93
N PHE A 186 17.39 0.15 -9.66
CA PHE A 186 16.76 -0.79 -8.75
C PHE A 186 16.91 -0.39 -7.28
N THR A 187 17.97 0.35 -6.96
CA THR A 187 18.15 0.79 -5.58
C THR A 187 17.06 1.80 -5.21
N GLY A 188 16.89 2.81 -6.05
CA GLY A 188 15.88 3.81 -5.77
C GLY A 188 14.44 3.29 -5.78
N HIS A 189 14.12 2.48 -6.79
CA HIS A 189 12.76 1.96 -6.92
C HIS A 189 12.44 0.64 -6.22
N ALA A 190 13.44 -0.23 -6.02
CA ALA A 190 13.19 -1.52 -5.38
C ALA A 190 13.74 -1.66 -3.97
N LEU A 191 14.62 -0.74 -3.56
CA LEU A 191 15.14 -0.80 -2.20
C LEU A 191 14.60 0.37 -1.39
N ALA A 192 14.72 1.59 -1.94
CA ALA A 192 14.23 2.79 -1.27
C ALA A 192 12.72 2.95 -1.46
N LEU A 193 12.20 2.27 -2.49
CA LEU A 193 10.79 2.26 -2.83
C LEU A 193 10.18 3.56 -3.32
N TYR A 194 11.00 4.43 -3.91
CA TYR A 194 10.48 5.69 -4.45
C TYR A 194 9.72 5.37 -5.73
N ARG A 195 8.84 6.28 -6.13
CA ARG A 195 8.06 6.11 -7.34
C ARG A 195 8.71 6.87 -8.49
N THR A 196 9.49 7.88 -8.14
CA THR A 196 10.18 8.72 -9.12
C THR A 196 11.62 8.90 -8.67
N ASP A 197 12.42 9.58 -9.49
CA ASP A 197 13.83 9.81 -9.16
C ASP A 197 14.06 11.22 -8.62
N ASP A 198 13.00 11.86 -8.11
CA ASP A 198 13.15 13.20 -7.57
C ASP A 198 14.11 13.22 -6.37
N TYR A 199 14.25 12.08 -5.72
CA TYR A 199 15.12 11.97 -4.55
C TYR A 199 16.60 12.18 -4.89
N LEU A 200 16.96 11.94 -6.15
CA LEU A 200 18.35 12.09 -6.58
C LEU A 200 18.88 13.48 -6.25
N ASP A 201 18.04 14.49 -6.37
CA ASP A 201 18.46 15.85 -6.10
C ASP A 201 17.92 16.40 -4.79
N GLN A 202 17.76 15.51 -3.81
CA GLN A 202 17.29 15.88 -2.49
C GLN A 202 18.28 15.31 -1.47
N PRO A 203 18.28 15.84 -0.23
CA PRO A 203 19.21 15.34 0.79
C PRO A 203 19.18 13.82 0.86
N CYS A 204 20.36 13.21 0.98
CA CYS A 204 20.48 11.76 1.02
C CYS A 204 19.94 11.07 2.27
N LEU A 205 19.86 11.77 3.39
CA LEU A 205 19.38 11.17 4.63
C LEU A 205 18.17 10.26 4.46
N GLU A 206 17.06 10.80 3.97
CA GLU A 206 15.85 10.00 3.79
C GLU A 206 16.07 8.72 3.00
N THR A 207 16.82 8.82 1.90
CA THR A 207 17.06 7.64 1.08
C THR A 207 17.88 6.60 1.83
N ILE A 208 18.93 7.05 2.50
CA ILE A 208 19.77 6.12 3.26
C ILE A 208 18.90 5.41 4.27
N ASN A 209 18.05 6.15 4.96
CA ASN A 209 17.19 5.57 5.98
C ASN A 209 16.16 4.60 5.40
N ARG A 210 15.71 4.86 4.18
CA ARG A 210 14.74 3.97 3.56
C ARG A 210 15.42 2.64 3.23
N ILE A 211 16.65 2.68 2.72
CA ILE A 211 17.37 1.46 2.40
C ILE A 211 17.61 0.68 3.70
N LYS A 212 17.96 1.40 4.77
CA LYS A 212 18.19 0.78 6.06
C LYS A 212 16.92 0.05 6.52
N LEU A 213 15.79 0.72 6.40
CA LEU A 213 14.48 0.17 6.77
C LEU A 213 14.22 -1.15 6.06
N TYR A 214 14.54 -1.19 4.77
CA TYR A 214 14.35 -2.40 3.98
C TYR A 214 15.21 -3.53 4.52
N SER A 215 16.50 -3.24 4.68
CA SER A 215 17.47 -4.23 5.17
C SER A 215 17.10 -4.75 6.55
N GLU A 216 16.78 -3.83 7.46
CA GLU A 216 16.40 -4.19 8.81
C GLU A 216 15.16 -5.09 8.83
N SER A 217 14.20 -4.79 7.97
CA SER A 217 12.98 -5.58 7.89
C SER A 217 13.33 -6.98 7.38
N LEU A 218 14.13 -7.01 6.33
CA LEU A 218 14.55 -8.28 5.73
C LEU A 218 15.30 -9.12 6.77
N ALA A 219 16.26 -8.52 7.45
CA ALA A 219 17.03 -9.23 8.46
C ALA A 219 16.15 -9.82 9.56
N ARG A 220 15.08 -9.10 9.89
CA ARG A 220 14.17 -9.55 10.92
C ARG A 220 13.22 -10.67 10.48
N TYR A 221 12.87 -10.70 9.20
CA TYR A 221 11.94 -11.72 8.72
C TYR A 221 12.54 -12.76 7.76
N GLY A 222 13.80 -12.58 7.34
CA GLY A 222 14.51 -13.55 6.51
C GLY A 222 14.17 -13.60 5.04
N LYS A 223 12.95 -14.02 4.70
CA LYS A 223 12.57 -14.18 3.30
C LYS A 223 12.54 -12.85 2.52
N SER A 224 11.91 -11.85 3.10
CA SER A 224 11.81 -10.53 2.48
C SER A 224 11.44 -9.55 3.57
N PRO A 225 11.35 -8.26 3.26
CA PRO A 225 11.00 -7.26 4.28
C PRO A 225 9.49 -7.04 4.34
N TYR A 226 8.75 -7.67 3.43
CA TYR A 226 7.30 -7.48 3.37
C TYR A 226 6.43 -8.46 4.12
N LEU A 227 5.31 -7.93 4.63
CA LEU A 227 4.32 -8.72 5.35
C LEU A 227 2.95 -8.57 4.69
N TYR A 228 2.12 -9.58 4.86
CA TYR A 228 0.77 -9.60 4.32
C TYR A 228 -0.02 -10.48 5.30
N PRO A 229 -1.23 -10.05 5.69
CA PRO A 229 -2.01 -10.85 6.63
C PRO A 229 -2.65 -12.07 6.02
N LEU A 230 -2.75 -13.13 6.80
CA LEU A 230 -3.41 -14.33 6.33
C LEU A 230 -4.83 -13.88 6.06
N TYR A 231 -5.42 -14.42 4.99
CA TYR A 231 -6.79 -14.11 4.61
C TYR A 231 -6.93 -12.75 3.92
N GLY A 232 -5.82 -12.08 3.68
CA GLY A 232 -5.86 -10.79 3.01
C GLY A 232 -6.10 -9.58 3.88
N LEU A 233 -6.06 -8.41 3.24
CA LEU A 233 -6.23 -7.15 3.94
C LEU A 233 -7.65 -6.93 4.43
N GLY A 234 -8.57 -7.80 4.03
CA GLY A 234 -9.94 -7.69 4.47
C GLY A 234 -10.02 -7.94 5.96
N GLU A 235 -8.96 -8.49 6.52
CA GLU A 235 -8.91 -8.77 7.95
C GLU A 235 -8.77 -7.49 8.76
N LEU A 236 -8.27 -6.43 8.13
CA LEU A 236 -8.10 -5.16 8.82
C LEU A 236 -9.45 -4.50 9.13
N PRO A 237 -10.31 -4.32 8.12
CA PRO A 237 -11.61 -3.69 8.40
C PRO A 237 -12.35 -4.46 9.49
N GLN A 238 -12.24 -5.79 9.46
CA GLN A 238 -12.88 -6.64 10.45
C GLN A 238 -12.28 -6.40 11.82
N GLY A 239 -10.96 -6.30 11.87
CA GLY A 239 -10.28 -6.08 13.12
C GLY A 239 -10.69 -4.78 13.77
N PHE A 240 -10.68 -3.71 12.99
CA PHE A 240 -11.05 -2.40 13.48
C PHE A 240 -12.52 -2.33 13.87
N ALA A 241 -13.37 -3.07 13.16
CA ALA A 241 -14.77 -3.08 13.50
C ALA A 241 -14.89 -3.68 14.90
N ARG A 242 -14.14 -4.76 15.12
CA ARG A 242 -14.14 -5.44 16.40
C ARG A 242 -13.55 -4.56 17.50
N LEU A 243 -12.48 -3.84 17.17
CA LEU A 243 -11.84 -2.95 18.13
C LEU A 243 -12.81 -1.82 18.45
N SER A 244 -13.53 -1.39 17.43
CA SER A 244 -14.49 -0.30 17.55
C SER A 244 -15.56 -0.63 18.59
N ALA A 245 -16.11 -1.83 18.53
CA ALA A 245 -17.13 -2.25 19.48
C ALA A 245 -16.59 -2.16 20.90
N ILE A 246 -15.36 -2.63 21.09
CA ILE A 246 -14.71 -2.60 22.39
C ILE A 246 -14.81 -1.23 23.06
N TYR A 247 -14.46 -0.18 22.32
CA TYR A 247 -14.52 1.17 22.87
C TYR A 247 -15.93 1.75 22.73
N GLY A 248 -16.88 0.89 22.40
CA GLY A 248 -18.24 1.35 22.20
C GLY A 248 -18.30 2.05 20.86
N GLY A 249 -19.22 1.64 20.01
CA GLY A 249 -19.34 2.25 18.70
C GLY A 249 -19.09 1.23 17.62
N THR A 250 -20.16 0.60 17.15
CA THR A 250 -20.08 -0.42 16.11
C THR A 250 -20.14 0.20 14.72
N TYR A 251 -19.36 -0.36 13.80
CA TYR A 251 -19.35 0.11 12.42
C TYR A 251 -20.74 -0.10 11.83
N MET A 252 -21.27 0.91 11.14
CA MET A 252 -22.59 0.79 10.54
C MET A 252 -22.50 0.76 9.01
N LEU A 253 -22.81 -0.40 8.43
CA LEU A 253 -22.76 -0.57 6.99
C LEU A 253 -24.12 -0.33 6.36
N ASN A 254 -24.13 -0.22 5.03
CA ASN A 254 -25.37 -0.03 4.29
C ASN A 254 -26.16 1.16 4.82
N LYS A 255 -25.45 2.23 5.18
CA LYS A 255 -26.05 3.45 5.71
C LYS A 255 -25.72 4.67 4.85
N PRO A 256 -26.73 5.21 4.15
CA PRO A 256 -26.60 6.38 3.28
C PRO A 256 -26.31 7.74 3.94
N VAL A 257 -25.37 8.47 3.36
CA VAL A 257 -25.04 9.80 3.86
C VAL A 257 -25.77 10.75 2.94
N ASP A 258 -26.92 11.24 3.39
CA ASP A 258 -27.73 12.15 2.59
C ASP A 258 -27.17 13.56 2.53
N ASP A 259 -26.36 13.93 3.52
CA ASP A 259 -25.81 15.27 3.51
C ASP A 259 -24.78 15.53 4.61
N ILE A 260 -23.79 16.34 4.29
CA ILE A 260 -22.76 16.73 5.23
C ILE A 260 -23.03 18.20 5.55
N ILE A 261 -23.69 18.42 6.69
CA ILE A 261 -24.07 19.77 7.12
C ILE A 261 -22.90 20.67 7.50
N MET A 262 -22.75 21.75 6.75
CA MET A 262 -21.69 22.72 6.97
C MET A 262 -22.24 24.03 7.53
N GLU A 263 -21.59 24.54 8.58
CA GLU A 263 -21.99 25.80 9.19
C GLU A 263 -20.81 26.78 9.17
N ASN A 264 -20.90 27.80 8.34
CA ASN A 264 -19.86 28.81 8.24
C ASN A 264 -18.54 28.15 7.82
N GLY A 265 -18.59 27.36 6.75
CA GLY A 265 -17.41 26.69 6.25
C GLY A 265 -16.86 25.59 7.15
N LYS A 266 -17.60 25.23 8.20
CA LYS A 266 -17.16 24.18 9.12
C LYS A 266 -18.23 23.12 9.36
N VAL A 267 -17.84 21.85 9.28
CA VAL A 267 -18.77 20.75 9.49
C VAL A 267 -19.26 20.75 10.93
N VAL A 268 -20.53 20.40 11.12
CA VAL A 268 -21.11 20.35 12.45
C VAL A 268 -21.91 19.07 12.65
N GLY A 269 -22.05 18.30 11.58
CA GLY A 269 -22.78 17.04 11.67
C GLY A 269 -23.04 16.40 10.32
N VAL A 270 -23.71 15.25 10.34
CA VAL A 270 -24.04 14.53 9.12
C VAL A 270 -25.48 14.05 9.20
N LYS A 271 -26.18 14.10 8.08
CA LYS A 271 -27.56 13.65 8.04
C LYS A 271 -27.66 12.31 7.32
N SER A 272 -28.33 11.36 7.94
CA SER A 272 -28.51 10.04 7.37
C SER A 272 -29.86 9.47 7.74
N GLU A 273 -30.61 9.03 6.74
CA GLU A 273 -31.93 8.46 6.95
C GLU A 273 -32.81 9.38 7.78
N GLY A 274 -33.01 10.59 7.26
CA GLY A 274 -33.83 11.57 7.95
C GLY A 274 -33.43 11.84 9.38
N GLU A 275 -32.15 11.64 9.68
CA GLU A 275 -31.65 11.84 11.04
C GLU A 275 -30.33 12.61 10.99
N VAL A 276 -30.04 13.35 12.06
CA VAL A 276 -28.81 14.12 12.13
C VAL A 276 -27.98 13.81 13.37
N ALA A 277 -26.68 13.70 13.17
CA ALA A 277 -25.74 13.42 14.24
C ALA A 277 -24.62 14.45 14.15
N ARG A 278 -24.40 15.19 15.23
CA ARG A 278 -23.36 16.22 15.23
C ARG A 278 -21.98 15.62 15.47
N CYS A 279 -20.96 16.33 15.03
CA CYS A 279 -19.57 15.90 15.19
C CYS A 279 -18.66 17.12 15.14
N LYS A 280 -17.49 17.02 15.74
CA LYS A 280 -16.55 18.13 15.74
C LYS A 280 -15.61 18.00 14.55
N GLN A 281 -15.29 16.76 14.20
CA GLN A 281 -14.41 16.47 13.07
C GLN A 281 -15.01 15.37 12.21
N LEU A 282 -14.71 15.41 10.91
CA LEU A 282 -15.23 14.42 9.97
C LEU A 282 -14.11 13.81 9.13
N ILE A 283 -14.07 12.49 9.06
CA ILE A 283 -13.06 11.76 8.27
C ILE A 283 -13.78 10.98 7.16
N CYS A 284 -13.28 11.06 5.93
CA CYS A 284 -13.93 10.36 4.82
C CYS A 284 -13.04 10.14 3.62
N ASP A 285 -13.46 9.27 2.70
CA ASP A 285 -12.70 9.05 1.47
C ASP A 285 -13.33 9.98 0.42
N PRO A 286 -12.64 10.23 -0.69
CA PRO A 286 -13.12 11.12 -1.77
C PRO A 286 -14.57 11.01 -2.22
N SER A 287 -15.12 9.79 -2.26
CA SER A 287 -16.48 9.60 -2.74
C SER A 287 -17.56 10.35 -1.97
N TYR A 288 -17.28 10.73 -0.73
CA TYR A 288 -18.27 11.46 0.05
C TYR A 288 -18.21 12.97 -0.10
N VAL A 289 -17.12 13.48 -0.69
CA VAL A 289 -16.98 14.93 -0.86
C VAL A 289 -16.42 15.32 -2.23
N PRO A 290 -17.19 15.04 -3.29
CA PRO A 290 -16.81 15.34 -4.68
C PRO A 290 -16.30 16.77 -4.88
N ASP A 291 -16.83 17.70 -4.10
CA ASP A 291 -16.46 19.11 -4.21
C ASP A 291 -15.21 19.50 -3.44
N ARG A 292 -14.60 18.55 -2.75
CA ARG A 292 -13.39 18.84 -1.97
C ARG A 292 -12.20 18.04 -2.45
N VAL A 293 -12.29 17.52 -3.67
CA VAL A 293 -11.21 16.72 -4.23
C VAL A 293 -10.99 17.06 -5.70
N ARG A 294 -9.83 16.65 -6.21
CA ARG A 294 -9.49 16.84 -7.60
C ARG A 294 -8.92 15.51 -8.06
N LYS A 295 -9.05 15.23 -9.35
CA LYS A 295 -8.58 13.97 -9.92
C LYS A 295 -7.08 14.05 -10.20
N ALA A 296 -6.32 13.13 -9.61
CA ALA A 296 -4.86 13.12 -9.78
C ALA A 296 -4.41 12.10 -10.81
N GLY A 297 -5.35 11.48 -11.50
CA GLY A 297 -5.00 10.50 -12.51
C GLY A 297 -5.87 9.26 -12.47
N GLN A 298 -5.40 8.20 -13.11
CA GLN A 298 -6.11 6.92 -13.18
C GLN A 298 -5.10 5.81 -12.98
N VAL A 299 -5.56 4.71 -12.40
CA VAL A 299 -4.73 3.55 -12.19
C VAL A 299 -5.42 2.35 -12.81
N ILE A 300 -4.64 1.40 -13.30
CA ILE A 300 -5.21 0.19 -13.87
C ILE A 300 -4.64 -1.00 -13.08
N ARG A 301 -5.51 -1.87 -12.61
CA ARG A 301 -5.08 -3.05 -11.89
C ARG A 301 -5.64 -4.28 -12.60
N ILE A 302 -4.78 -5.26 -12.84
CA ILE A 302 -5.24 -6.47 -13.48
C ILE A 302 -4.92 -7.66 -12.59
N ILE A 303 -5.96 -8.25 -12.02
CA ILE A 303 -5.81 -9.40 -11.14
C ILE A 303 -5.69 -10.63 -12.04
N CYS A 304 -4.62 -11.40 -11.86
CA CYS A 304 -4.38 -12.60 -12.67
C CYS A 304 -4.30 -13.89 -11.86
N ILE A 305 -5.23 -14.80 -12.09
CA ILE A 305 -5.21 -16.08 -11.40
C ILE A 305 -4.28 -17.03 -12.15
N LEU A 306 -3.33 -17.63 -11.43
CA LEU A 306 -2.39 -18.55 -12.03
C LEU A 306 -2.47 -19.91 -11.34
N SER A 307 -1.98 -20.94 -12.02
CA SER A 307 -1.96 -22.30 -11.48
C SER A 307 -0.52 -22.72 -11.29
N HIS A 308 0.39 -21.76 -11.33
CA HIS A 308 1.81 -22.03 -11.20
C HIS A 308 2.55 -20.84 -10.60
N PRO A 309 3.62 -21.10 -9.84
CA PRO A 309 4.35 -19.97 -9.26
C PRO A 309 4.94 -19.15 -10.41
N ILE A 310 5.27 -17.89 -10.13
CA ILE A 310 5.83 -17.03 -11.17
C ILE A 310 7.24 -17.51 -11.55
N LYS A 311 7.50 -17.58 -12.84
CA LYS A 311 8.79 -18.03 -13.32
C LYS A 311 9.91 -17.13 -12.83
N ASN A 312 11.06 -17.74 -12.55
CA ASN A 312 12.25 -17.04 -12.08
C ASN A 312 12.14 -16.45 -10.68
N THR A 313 11.35 -17.07 -9.81
CA THR A 313 11.22 -16.60 -8.45
C THR A 313 11.50 -17.76 -7.50
N ASN A 314 12.09 -18.82 -8.04
CA ASN A 314 12.41 -20.03 -7.29
C ASN A 314 11.16 -20.57 -6.60
N ASP A 315 10.05 -20.58 -7.33
CA ASP A 315 8.77 -21.09 -6.84
C ASP A 315 8.25 -20.40 -5.56
N ALA A 316 8.42 -19.09 -5.47
CA ALA A 316 7.95 -18.35 -4.29
C ALA A 316 6.43 -18.50 -4.18
N ASN A 317 5.92 -18.58 -2.94
CA ASN A 317 4.48 -18.71 -2.72
C ASN A 317 3.83 -17.33 -2.61
N SER A 318 4.67 -16.31 -2.73
CA SER A 318 4.23 -14.92 -2.67
C SER A 318 5.45 -14.07 -2.99
N CYS A 319 5.24 -12.93 -3.64
CA CYS A 319 6.37 -12.07 -3.97
C CYS A 319 5.96 -10.68 -4.39
N GLN A 320 6.94 -9.80 -4.31
CA GLN A 320 6.81 -8.41 -4.69
C GLN A 320 7.66 -8.28 -5.94
N ILE A 321 7.17 -7.60 -6.96
CA ILE A 321 7.95 -7.41 -8.17
C ILE A 321 7.84 -5.95 -8.57
N ILE A 322 8.96 -5.24 -8.57
CA ILE A 322 8.97 -3.83 -8.95
C ILE A 322 9.53 -3.70 -10.37
N ILE A 323 8.82 -2.95 -11.22
CA ILE A 323 9.27 -2.73 -12.59
C ILE A 323 9.52 -1.24 -12.77
N PRO A 324 10.76 -0.79 -12.56
CA PRO A 324 11.10 0.63 -12.71
C PRO A 324 10.72 1.16 -14.09
N GLN A 325 10.12 2.34 -14.11
CA GLN A 325 9.66 2.99 -15.34
C GLN A 325 10.74 3.12 -16.41
N ASN A 326 11.96 3.50 -16.02
CA ASN A 326 13.05 3.67 -16.97
C ASN A 326 13.38 2.38 -17.70
N GLN A 327 13.03 1.25 -17.11
CA GLN A 327 13.30 -0.06 -17.72
C GLN A 327 12.27 -0.39 -18.79
N VAL A 328 11.17 0.35 -18.83
CA VAL A 328 10.13 0.07 -19.81
C VAL A 328 9.60 1.28 -20.56
N ASN A 329 10.45 2.28 -20.74
CA ASN A 329 10.09 3.51 -21.46
C ASN A 329 8.77 4.13 -20.97
N ARG A 330 8.65 4.31 -19.66
CA ARG A 330 7.44 4.88 -19.08
C ARG A 330 7.76 6.03 -18.15
N LYS A 331 6.71 6.71 -17.67
CA LYS A 331 6.85 7.81 -16.73
C LYS A 331 6.31 7.39 -15.36
N SER A 332 6.02 6.11 -15.21
CA SER A 332 5.51 5.58 -13.95
C SER A 332 5.77 4.08 -13.89
N ASP A 333 6.20 3.63 -12.72
CA ASP A 333 6.52 2.21 -12.52
C ASP A 333 5.33 1.29 -12.70
N ILE A 334 5.62 0.01 -12.92
CA ILE A 334 4.59 -1.01 -13.03
C ILE A 334 4.86 -1.95 -11.85
N TYR A 335 3.80 -2.41 -11.20
CA TYR A 335 3.97 -3.29 -10.07
C TYR A 335 3.23 -4.61 -10.23
N VAL A 336 3.75 -5.63 -9.57
CA VAL A 336 3.12 -6.94 -9.55
C VAL A 336 3.33 -7.56 -8.17
N CYS A 337 2.25 -7.75 -7.44
CA CYS A 337 2.40 -8.40 -6.15
C CYS A 337 1.56 -9.67 -6.25
N MET A 338 2.06 -10.74 -5.66
CA MET A 338 1.38 -12.01 -5.72
C MET A 338 1.31 -12.70 -4.37
N ILE A 339 0.13 -13.23 -4.07
CA ILE A 339 -0.12 -13.97 -2.85
C ILE A 339 -0.92 -15.17 -3.31
N SER A 340 -0.92 -16.24 -2.52
CA SER A 340 -1.62 -17.45 -2.91
C SER A 340 -2.21 -18.19 -1.74
N TYR A 341 -2.44 -19.49 -1.95
CA TYR A 341 -3.00 -20.35 -0.91
C TYR A 341 -2.11 -20.30 0.34
N ALA A 342 -0.83 -19.96 0.16
CA ALA A 342 0.10 -19.88 1.30
C ALA A 342 -0.35 -18.84 2.31
N HIS A 343 -1.02 -17.79 1.83
CA HIS A 343 -1.54 -16.75 2.71
C HIS A 343 -3.06 -16.92 2.87
N ASN A 344 -3.56 -18.07 2.44
CA ASN A 344 -4.98 -18.41 2.54
C ASN A 344 -5.92 -17.42 1.84
N VAL A 345 -5.51 -16.93 0.67
CA VAL A 345 -6.34 -15.99 -0.09
C VAL A 345 -6.80 -16.63 -1.39
N ALA A 346 -6.33 -17.85 -1.65
CA ALA A 346 -6.71 -18.58 -2.85
C ALA A 346 -6.81 -20.09 -2.55
N ALA A 347 -7.45 -20.83 -3.45
CA ALA A 347 -7.61 -22.27 -3.28
C ALA A 347 -6.24 -22.92 -3.44
N GLN A 348 -6.09 -24.12 -2.89
CA GLN A 348 -4.83 -24.85 -2.97
C GLN A 348 -4.29 -24.89 -4.40
N GLY A 349 -2.98 -24.64 -4.53
CA GLY A 349 -2.34 -24.68 -5.84
C GLY A 349 -2.58 -23.48 -6.74
N LYS A 350 -3.31 -22.48 -6.24
CA LYS A 350 -3.59 -21.30 -7.04
C LYS A 350 -2.86 -20.07 -6.50
N TYR A 351 -2.50 -19.17 -7.41
CA TYR A 351 -1.80 -17.94 -7.08
C TYR A 351 -2.57 -16.74 -7.61
N ILE A 352 -2.43 -15.60 -6.94
CA ILE A 352 -3.09 -14.38 -7.38
C ILE A 352 -2.03 -13.33 -7.64
N ALA A 353 -1.78 -13.03 -8.91
CA ALA A 353 -0.81 -12.03 -9.29
C ALA A 353 -1.57 -10.80 -9.75
N ILE A 354 -1.31 -9.66 -9.11
CA ILE A 354 -2.02 -8.44 -9.46
C ILE A 354 -1.05 -7.42 -10.01
N ALA A 355 -1.20 -7.08 -11.30
CA ALA A 355 -0.33 -6.12 -11.95
C ALA A 355 -0.98 -4.76 -11.95
N SER A 356 -0.20 -3.71 -11.70
CA SER A 356 -0.77 -2.37 -11.66
C SER A 356 0.17 -1.27 -12.12
N THR A 357 -0.40 -0.15 -12.54
CA THR A 357 0.38 1.00 -12.97
C THR A 357 -0.51 2.22 -13.17
N THR A 358 0.11 3.37 -13.40
CA THR A 358 -0.63 4.61 -13.61
C THR A 358 -0.85 4.78 -15.11
N VAL A 359 -2.10 4.97 -15.51
CA VAL A 359 -2.44 5.12 -16.92
C VAL A 359 -1.74 6.29 -17.60
N GLU A 360 -1.11 6.01 -18.74
CA GLU A 360 -0.41 7.03 -19.49
C GLU A 360 -0.82 7.05 -20.96
N THR A 361 -1.57 6.04 -21.40
CA THR A 361 -2.01 5.96 -22.78
C THR A 361 -3.50 5.71 -22.91
N THR A 362 -3.96 5.53 -24.15
CA THR A 362 -5.38 5.27 -24.41
C THR A 362 -5.64 3.76 -24.44
N ASP A 363 -4.59 2.98 -24.21
CA ASP A 363 -4.70 1.53 -24.19
C ASP A 363 -4.07 1.05 -22.87
N PRO A 364 -4.71 1.38 -21.74
CA PRO A 364 -4.22 1.00 -20.41
C PRO A 364 -3.78 -0.45 -20.25
N GLU A 365 -4.58 -1.39 -20.75
CA GLU A 365 -4.22 -2.80 -20.65
C GLU A 365 -2.89 -3.11 -21.32
N LYS A 366 -2.67 -2.51 -22.48
CA LYS A 366 -1.43 -2.73 -23.20
C LYS A 366 -0.25 -2.23 -22.39
N GLU A 367 -0.47 -1.18 -21.61
CA GLU A 367 0.58 -0.60 -20.78
C GLU A 367 1.17 -1.59 -19.78
N VAL A 368 0.40 -2.59 -19.39
CA VAL A 368 0.88 -3.56 -18.41
C VAL A 368 1.37 -4.89 -18.99
N GLU A 369 1.47 -4.97 -20.31
CA GLU A 369 1.95 -6.18 -20.96
C GLU A 369 3.33 -6.62 -20.45
N PRO A 370 4.21 -5.66 -20.13
CA PRO A 370 5.53 -6.05 -19.63
C PRO A 370 5.45 -6.91 -18.36
N ALA A 371 4.43 -6.67 -17.55
CA ALA A 371 4.26 -7.44 -16.32
C ALA A 371 3.52 -8.75 -16.57
N LEU A 372 2.51 -8.72 -17.44
CA LEU A 372 1.76 -9.93 -17.77
C LEU A 372 2.62 -10.98 -18.45
N GLU A 373 3.65 -10.53 -19.16
CA GLU A 373 4.53 -11.46 -19.84
C GLU A 373 5.30 -12.30 -18.85
N LEU A 374 5.37 -11.83 -17.61
CA LEU A 374 6.10 -12.54 -16.57
C LEU A 374 5.18 -13.56 -15.89
N LEU A 375 3.89 -13.48 -16.18
CA LEU A 375 2.90 -14.35 -15.53
C LEU A 375 2.27 -15.46 -16.38
N GLU A 376 2.26 -15.28 -17.69
CA GLU A 376 1.64 -16.27 -18.56
C GLU A 376 2.25 -17.65 -18.38
N PRO A 377 1.44 -18.71 -18.51
CA PRO A 377 0.00 -18.65 -18.81
C PRO A 377 -0.88 -18.16 -17.66
N ILE A 378 -1.90 -17.38 -18.01
CA ILE A 378 -2.83 -16.83 -17.03
C ILE A 378 -4.18 -17.49 -17.25
N ASP A 379 -4.74 -18.06 -16.18
CA ASP A 379 -6.03 -18.73 -16.24
C ASP A 379 -7.18 -17.76 -16.49
N GLN A 380 -7.18 -16.66 -15.74
CA GLN A 380 -8.23 -15.65 -15.85
C GLN A 380 -7.71 -14.29 -15.44
N LYS A 381 -8.21 -13.25 -16.11
CA LYS A 381 -7.81 -11.90 -15.79
C LYS A 381 -9.04 -11.12 -15.36
N PHE A 382 -8.83 -10.12 -14.51
CA PHE A 382 -9.90 -9.26 -14.01
C PHE A 382 -9.34 -7.83 -14.12
N VAL A 383 -9.78 -7.09 -15.14
CA VAL A 383 -9.31 -5.73 -15.37
C VAL A 383 -10.16 -4.65 -14.76
N ALA A 384 -9.52 -3.73 -14.04
CA ALA A 384 -10.20 -2.61 -13.40
C ALA A 384 -9.41 -1.31 -13.55
N ILE A 385 -10.11 -0.25 -13.94
CA ILE A 385 -9.51 1.07 -14.11
C ILE A 385 -10.21 1.99 -13.12
N SER A 386 -9.41 2.67 -12.29
CA SER A 386 -9.94 3.57 -11.28
C SER A 386 -9.36 4.98 -11.38
N ASP A 387 -10.19 5.98 -11.09
CA ASP A 387 -9.77 7.36 -11.10
C ASP A 387 -9.19 7.65 -9.72
N LEU A 388 -8.08 8.39 -9.66
CA LEU A 388 -7.46 8.72 -8.38
C LEU A 388 -7.85 10.12 -7.95
N TYR A 389 -8.17 10.29 -6.67
CA TYR A 389 -8.54 11.59 -6.17
C TYR A 389 -7.72 11.99 -4.96
N GLU A 390 -7.56 13.29 -4.79
CA GLU A 390 -6.83 13.85 -3.66
C GLU A 390 -7.55 15.12 -3.24
N PRO A 391 -7.66 15.37 -1.93
CA PRO A 391 -8.35 16.55 -1.42
C PRO A 391 -7.72 17.88 -1.81
N ILE A 392 -8.56 18.90 -1.94
CA ILE A 392 -8.12 20.24 -2.29
C ILE A 392 -8.39 21.11 -1.07
N ASP A 393 -8.59 20.45 0.06
CA ASP A 393 -8.88 21.09 1.34
C ASP A 393 -8.23 20.22 2.39
N ASP A 394 -7.34 20.78 3.21
CA ASP A 394 -6.70 19.95 4.24
C ASP A 394 -7.49 19.86 5.54
N GLY A 395 -8.72 20.36 5.51
CA GLY A 395 -9.56 20.31 6.70
C GLY A 395 -9.19 21.28 7.80
N SER A 396 -8.16 22.09 7.56
CA SER A 396 -7.69 23.07 8.52
C SER A 396 -8.84 23.89 9.13
N GLU A 397 -9.74 24.37 8.26
CA GLU A 397 -10.87 25.16 8.71
C GLU A 397 -12.15 24.34 8.72
N SER A 398 -12.45 23.73 7.58
CA SER A 398 -13.64 22.91 7.41
C SER A 398 -13.76 21.78 8.43
N GLN A 399 -12.62 21.26 8.87
CA GLN A 399 -12.60 20.17 9.82
C GLN A 399 -13.12 18.90 9.16
N VAL A 400 -13.02 18.91 7.85
CA VAL A 400 -13.39 17.76 7.01
C VAL A 400 -12.05 17.19 6.52
N PHE A 401 -11.68 16.00 6.96
CA PHE A 401 -10.41 15.40 6.59
C PHE A 401 -10.51 14.23 5.61
N CYS A 402 -10.33 14.54 4.33
CA CYS A 402 -10.42 13.55 3.26
C CYS A 402 -9.09 12.86 2.95
N SER A 403 -9.16 11.56 2.63
CA SER A 403 -7.97 10.80 2.29
C SER A 403 -7.77 10.77 0.78
N CYS A 404 -6.61 10.27 0.35
CA CYS A 404 -6.30 10.15 -1.07
C CYS A 404 -6.63 8.73 -1.54
N SER A 405 -7.02 8.61 -2.80
CA SER A 405 -7.33 7.30 -3.37
C SER A 405 -6.04 6.49 -3.34
N TYR A 406 -6.13 5.17 -3.34
CA TYR A 406 -4.93 4.34 -3.30
C TYR A 406 -4.21 4.29 -4.66
N ASP A 407 -2.93 4.66 -4.67
CA ASP A 407 -2.17 4.66 -5.92
C ASP A 407 -1.76 3.25 -6.39
N ALA A 408 -1.04 3.18 -7.51
CA ALA A 408 -0.63 1.90 -8.08
C ALA A 408 0.42 1.09 -7.33
N THR A 409 1.15 1.72 -6.41
CA THR A 409 2.19 1.01 -5.67
C THR A 409 1.64 -0.22 -4.93
N THR A 410 2.47 -1.25 -4.80
CA THR A 410 2.04 -2.46 -4.11
C THR A 410 2.59 -2.59 -2.69
N HIS A 411 2.82 -1.45 -2.06
CA HIS A 411 3.26 -1.42 -0.68
C HIS A 411 2.59 -0.21 -0.03
N PHE A 412 2.57 -0.19 1.30
CA PHE A 412 1.84 0.87 2.03
C PHE A 412 2.56 2.19 2.26
N GLU A 413 3.76 2.36 1.71
CA GLU A 413 4.53 3.59 1.90
C GLU A 413 3.68 4.85 1.72
N THR A 414 3.15 5.05 0.52
CA THR A 414 2.34 6.24 0.27
C THR A 414 1.03 6.31 1.06
N THR A 415 0.45 5.18 1.41
CA THR A 415 -0.79 5.17 2.19
C THR A 415 -0.47 5.60 3.63
N CYS A 416 0.69 5.18 4.12
CA CYS A 416 1.14 5.51 5.47
C CYS A 416 1.34 7.03 5.59
N ASN A 417 1.96 7.63 4.58
CA ASN A 417 2.19 9.07 4.60
C ASN A 417 0.86 9.83 4.65
N ASP A 418 -0.13 9.35 3.91
CA ASP A 418 -1.43 10.01 3.88
C ASP A 418 -2.06 9.96 5.27
N ILE A 419 -2.01 8.78 5.90
CA ILE A 419 -2.57 8.60 7.23
C ILE A 419 -1.89 9.53 8.25
N LYS A 420 -0.56 9.55 8.22
CA LYS A 420 0.20 10.39 9.13
C LYS A 420 -0.16 11.85 8.89
N ASP A 421 -0.24 12.23 7.62
CA ASP A 421 -0.56 13.59 7.24
C ASP A 421 -1.95 13.98 7.77
N ILE A 422 -2.96 13.20 7.38
CA ILE A 422 -4.32 13.44 7.83
C ILE A 422 -4.39 13.57 9.36
N TYR A 423 -3.68 12.70 10.06
CA TYR A 423 -3.68 12.73 11.51
C TYR A 423 -3.11 14.04 12.04
N LYS A 424 -1.99 14.48 11.47
CA LYS A 424 -1.37 15.73 11.91
C LYS A 424 -2.34 16.88 11.70
N ARG A 425 -3.01 16.87 10.55
CA ARG A 425 -3.98 17.89 10.20
C ARG A 425 -5.11 17.92 11.24
N MET A 426 -5.43 16.77 11.79
CA MET A 426 -6.51 16.66 12.78
C MET A 426 -6.10 16.94 14.22
N ALA A 427 -4.96 16.42 14.64
CA ALA A 427 -4.48 16.60 16.01
C ALA A 427 -3.69 17.88 16.20
N GLY A 428 -3.14 18.43 15.13
CA GLY A 428 -2.37 19.65 15.23
C GLY A 428 -0.88 19.36 15.37
N SER A 429 -0.57 18.09 15.65
CA SER A 429 0.81 17.65 15.81
C SER A 429 1.00 16.32 15.09
N ALA A 430 2.26 15.90 14.93
CA ALA A 430 2.56 14.65 14.25
C ALA A 430 2.38 13.45 15.17
N PHE A 431 1.98 12.32 14.58
CA PHE A 431 1.81 11.09 15.35
C PHE A 431 3.18 10.76 15.93
N ASP A 432 3.29 10.72 17.24
CA ASP A 432 4.56 10.45 17.89
C ASP A 432 4.83 8.95 18.06
N PHE A 433 5.84 8.45 17.35
CA PHE A 433 6.20 7.04 17.44
C PHE A 433 7.20 6.79 18.56
#